data_8SPD
#
_entry.id   8SPD
#
_cell.length_a   77.178
_cell.length_b   101.792
_cell.length_c   125.691
_cell.angle_alpha   90.000
_cell.angle_beta   90.000
_cell.angle_gamma   90.000
#
_symmetry.space_group_name_H-M   'I 2 2 2'
#
loop_
_entity.id
_entity.type
_entity.pdbx_description
1 polymer 'Cytochrome P450 3A4'
2 non-polymer 'PROTOPORPHYRIN IX CONTAINING FE'
3 non-polymer 1-[(2-CHLOROPHENYL)(DIPHENYL)METHYL]-1H-IMIDAZOLE
#
_entity_poly.entity_id   1
_entity_poly.type   'polypeptide(L)'
_entity_poly.pdbx_seq_one_letter_code
;MALYGTHSHGLFKKLGIPGPTPLPFLGNILSYHKGFCMFDMECHKKYGKVWGFYDGQQPVLAITDPDMIKTVLVKECYSV
FTNRRPFGPVGFMKSAISIAEDEEWKRLRSLLSPTFTSGKLKEMVPIIAQYGDVLVRNLRREAETGKPVTLKDVFGAYSM
DVITSTSFGVNIDSLNNPQDPFVENTKKLLRFDFLDPFFLSITVFPFLIPILEVLNICVFPREVTNFLRKSVKRMKESRL
EDTQKHRVDFLQLMIDSQNSKETESHKALSDLELVAQSIIFIFAGYETTSSVLSFIMYELATHPDVQQKLQEEIDAVLPN
KAPPTYDTVLQMEYLDMVVNETLRLFPIAMRLERVCKKDVEINGMFIPKGVVVMIPSYALHRDPKYWTEPEKFLPERFSK
KNKDNIDPYIYTPFGSGPRNCIGMRFALMNMKLALIRVLQNFSFKPCKETQIPLKLSLGGLLQPEKPVVLKVESRDGTVS
GAHHHH
;
_entity_poly.pdbx_strand_id   A
#
loop_
_chem_comp.id
_chem_comp.type
_chem_comp.name
_chem_comp.formula
CL6 non-polymer 1-[(2-CHLOROPHENYL)(DIPHENYL)METHYL]-1H-IMIDAZOLE 'C22 H17 Cl N2'
HEM non-polymer 'PROTOPORPHYRIN IX CONTAINING FE' 'C34 H32 Fe N4 O4'
#
# COMPACT_ATOMS: atom_id res chain seq x y z
N HIS A 7 -14.12 3.07 -25.11
CA HIS A 7 -15.04 3.30 -26.22
C HIS A 7 -15.69 1.99 -26.68
N SER A 8 -15.21 1.46 -27.79
CA SER A 8 -15.70 0.21 -28.34
C SER A 8 -14.80 -0.95 -27.91
N HIS A 9 -15.35 -2.17 -28.02
CA HIS A 9 -14.61 -3.36 -27.63
C HIS A 9 -13.67 -3.85 -28.72
N GLY A 10 -13.69 -3.25 -29.90
CA GLY A 10 -12.82 -3.66 -30.97
C GLY A 10 -11.52 -2.87 -31.03
N LEU A 11 -11.19 -2.21 -29.92
CA LEU A 11 -9.99 -1.38 -29.86
C LEU A 11 -8.74 -2.23 -30.00
N PHE A 12 -8.48 -3.09 -29.01
CA PHE A 12 -7.30 -3.96 -29.08
C PHE A 12 -7.40 -4.96 -30.23
N LYS A 13 -8.61 -5.20 -30.74
CA LYS A 13 -8.76 -6.03 -31.93
C LYS A 13 -8.21 -5.31 -33.16
N LYS A 14 -8.70 -4.09 -33.40
CA LYS A 14 -8.20 -3.31 -34.53
C LYS A 14 -6.72 -2.99 -34.38
N LEU A 15 -6.30 -2.64 -33.16
CA LEU A 15 -4.88 -2.35 -32.90
C LEU A 15 -4.00 -3.59 -33.02
N GLY A 16 -4.57 -4.78 -33.15
CA GLY A 16 -3.77 -5.98 -33.21
C GLY A 16 -3.09 -6.33 -31.90
N ILE A 17 -3.72 -6.02 -30.78
CA ILE A 17 -3.18 -6.32 -29.45
C ILE A 17 -3.90 -7.55 -28.92
N PRO A 18 -3.18 -8.60 -28.52
CA PRO A 18 -3.85 -9.80 -28.02
C PRO A 18 -4.50 -9.56 -26.66
N GLY A 19 -5.39 -10.48 -26.29
CA GLY A 19 -6.10 -10.39 -25.05
C GLY A 19 -7.36 -11.22 -25.03
N PRO A 20 -8.00 -11.33 -23.88
CA PRO A 20 -9.25 -12.10 -23.78
C PRO A 20 -10.40 -11.39 -24.46
N THR A 21 -11.29 -12.18 -25.05
CA THR A 21 -12.46 -11.64 -25.75
C THR A 21 -13.50 -11.16 -24.73
N PRO A 22 -13.90 -9.90 -24.76
CA PRO A 22 -14.84 -9.39 -23.76
C PRO A 22 -16.29 -9.64 -24.11
N LEU A 23 -17.11 -9.66 -23.07
CA LEU A 23 -18.55 -9.75 -23.23
C LEU A 23 -19.13 -8.37 -23.55
N PRO A 24 -20.31 -8.32 -24.18
CA PRO A 24 -20.80 -7.03 -24.71
C PRO A 24 -20.82 -5.88 -23.71
N PHE A 25 -21.38 -6.09 -22.53
CA PHE A 25 -21.42 -5.04 -21.51
C PHE A 25 -20.50 -5.31 -20.33
N LEU A 26 -20.34 -6.57 -19.94
CA LEU A 26 -19.51 -6.89 -18.77
C LEU A 26 -18.03 -6.69 -19.07
N GLY A 27 -17.60 -6.95 -20.30
CA GLY A 27 -16.18 -6.95 -20.60
C GLY A 27 -15.51 -8.21 -20.07
N ASN A 28 -14.32 -8.07 -19.51
CA ASN A 28 -13.57 -9.21 -18.98
C ASN A 28 -13.69 -9.34 -17.47
N ILE A 29 -14.78 -8.81 -16.89
CA ILE A 29 -14.90 -8.81 -15.43
C ILE A 29 -15.16 -10.21 -14.89
N LEU A 30 -15.78 -11.08 -15.68
CA LEU A 30 -16.06 -12.42 -15.21
C LEU A 30 -14.80 -13.21 -14.94
N SER A 31 -13.68 -12.85 -15.57
CA SER A 31 -12.41 -13.50 -15.30
C SER A 31 -11.80 -13.07 -13.97
N TYR A 32 -12.37 -12.06 -13.30
CA TYR A 32 -11.88 -11.60 -12.02
C TYR A 32 -12.33 -12.45 -10.85
N HIS A 33 -13.12 -13.51 -11.09
CA HIS A 33 -13.52 -14.39 -10.00
C HIS A 33 -12.35 -15.16 -9.42
N LYS A 34 -11.20 -15.18 -10.10
CA LYS A 34 -9.98 -15.75 -9.57
C LYS A 34 -9.12 -14.73 -8.84
N GLY A 35 -9.40 -13.44 -8.99
CA GLY A 35 -8.62 -12.40 -8.38
C GLY A 35 -7.79 -11.64 -9.40
N PHE A 36 -7.44 -10.40 -9.05
CA PHE A 36 -6.64 -9.56 -9.93
C PHE A 36 -5.30 -10.21 -10.25
N CYS A 37 -4.71 -10.89 -9.27
CA CYS A 37 -3.37 -11.43 -9.42
C CYS A 37 -3.36 -12.63 -10.37
N MET A 38 -4.24 -13.60 -10.13
CA MET A 38 -4.28 -14.78 -10.97
C MET A 38 -4.72 -14.45 -12.39
N PHE A 39 -5.47 -13.37 -12.57
CA PHE A 39 -5.86 -12.95 -13.91
C PHE A 39 -4.67 -12.39 -14.69
N ASP A 40 -3.86 -11.55 -14.04
CA ASP A 40 -2.71 -10.95 -14.72
C ASP A 40 -1.68 -11.99 -15.10
N MET A 41 -1.37 -12.93 -14.19
CA MET A 41 -0.38 -13.95 -14.50
C MET A 41 -0.85 -14.88 -15.61
N GLU A 42 -2.16 -15.16 -15.68
CA GLU A 42 -2.68 -15.98 -16.76
C GLU A 42 -2.53 -15.26 -18.10
N CYS A 43 -2.86 -13.97 -18.15
CA CYS A 43 -2.70 -13.21 -19.37
C CYS A 43 -1.22 -13.07 -19.74
N HIS A 44 -0.33 -13.08 -18.75
CA HIS A 44 1.10 -12.97 -19.04
C HIS A 44 1.62 -14.23 -19.71
N LYS A 45 1.29 -15.40 -19.16
CA LYS A 45 1.75 -16.66 -19.74
C LYS A 45 1.15 -16.90 -21.12
N LYS A 46 -0.08 -16.43 -21.35
CA LYS A 46 -0.79 -16.74 -22.59
C LYS A 46 -0.45 -15.75 -23.71
N TYR A 47 -0.70 -14.46 -23.47
CA TYR A 47 -0.59 -13.45 -24.52
C TYR A 47 0.80 -12.86 -24.67
N GLY A 48 1.72 -13.16 -23.77
CA GLY A 48 3.11 -12.74 -23.93
C GLY A 48 3.39 -11.43 -23.23
N LYS A 49 4.06 -10.51 -23.93
CA LYS A 49 4.55 -9.30 -23.28
C LYS A 49 3.41 -8.32 -23.02
N VAL A 50 2.65 -7.98 -24.05
CA VAL A 50 1.63 -6.94 -23.99
C VAL A 50 0.28 -7.56 -24.32
N TRP A 51 -0.71 -7.29 -23.48
CA TRP A 51 -2.08 -7.76 -23.71
C TRP A 51 -3.05 -6.65 -23.31
N GLY A 52 -4.31 -6.85 -23.70
CA GLY A 52 -5.34 -5.87 -23.41
C GLY A 52 -6.68 -6.49 -23.05
N PHE A 53 -7.37 -5.90 -22.07
CA PHE A 53 -8.70 -6.34 -21.66
C PHE A 53 -9.57 -5.11 -21.43
N TYR A 54 -10.80 -5.35 -20.99
CA TYR A 54 -11.80 -4.30 -20.82
C TYR A 54 -12.45 -4.42 -19.45
N ASP A 55 -12.25 -3.41 -18.60
CA ASP A 55 -12.98 -3.30 -17.34
C ASP A 55 -14.36 -2.73 -17.66
N GLY A 56 -15.24 -3.60 -18.14
CA GLY A 56 -16.54 -3.17 -18.62
C GLY A 56 -16.44 -2.56 -20.00
N GLN A 57 -16.42 -1.24 -20.06
CA GLN A 57 -16.22 -0.52 -21.32
C GLN A 57 -14.85 0.16 -21.40
N GLN A 58 -14.10 0.19 -20.31
CA GLN A 58 -12.81 0.87 -20.30
C GLN A 58 -11.73 -0.06 -20.84
N PRO A 59 -11.07 0.29 -21.94
CA PRO A 59 -9.96 -0.54 -22.43
C PRO A 59 -8.73 -0.37 -21.57
N VAL A 60 -8.10 -1.48 -21.23
CA VAL A 60 -6.91 -1.51 -20.38
C VAL A 60 -5.80 -2.23 -21.13
N LEU A 61 -4.65 -1.59 -21.26
CA LEU A 61 -3.49 -2.13 -21.96
C LEU A 61 -2.39 -2.42 -20.94
N ALA A 62 -2.06 -3.69 -20.78
CA ALA A 62 -1.01 -4.11 -19.84
C ALA A 62 0.33 -4.20 -20.55
N ILE A 63 1.39 -3.78 -19.86
CA ILE A 63 2.72 -3.72 -20.42
C ILE A 63 3.67 -4.54 -19.56
N THR A 64 4.77 -4.96 -20.16
CA THR A 64 5.78 -5.77 -19.48
C THR A 64 7.21 -5.31 -19.73
N ASP A 65 7.51 -4.73 -20.89
CA ASP A 65 8.84 -4.28 -21.23
C ASP A 65 9.31 -3.22 -20.23
N PRO A 66 10.42 -3.42 -19.53
CA PRO A 66 10.90 -2.40 -18.59
C PRO A 66 11.19 -1.06 -19.25
N ASP A 67 11.73 -1.07 -20.47
CA ASP A 67 11.94 0.19 -21.18
C ASP A 67 10.62 0.91 -21.43
N MET A 68 9.54 0.16 -21.59
CA MET A 68 8.23 0.77 -21.79
C MET A 68 7.58 1.17 -20.47
N ILE A 69 7.83 0.40 -19.41
CA ILE A 69 7.31 0.78 -18.09
C ILE A 69 7.98 2.06 -17.60
N LYS A 70 9.28 2.22 -17.88
CA LYS A 70 9.99 3.42 -17.48
C LYS A 70 9.46 4.64 -18.24
N THR A 71 9.09 4.47 -19.51
CA THR A 71 8.55 5.58 -20.28
C THR A 71 7.21 6.03 -19.71
N VAL A 72 6.38 5.09 -19.26
CA VAL A 72 5.07 5.45 -18.74
C VAL A 72 5.17 6.06 -17.35
N LEU A 73 6.00 5.48 -16.49
CA LEU A 73 6.06 5.89 -15.09
C LEU A 73 7.03 7.05 -14.86
N VAL A 74 8.16 7.08 -15.56
CA VAL A 74 9.23 8.04 -15.31
C VAL A 74 9.29 9.10 -16.42
N LYS A 75 9.56 8.68 -17.64
CA LYS A 75 9.81 9.62 -18.74
C LYS A 75 8.60 10.49 -19.05
N GLU A 76 7.52 9.88 -19.54
CA GLU A 76 6.34 10.61 -19.98
C GLU A 76 5.26 10.67 -18.90
N CYS A 77 5.65 10.89 -17.65
CA CYS A 77 4.69 10.95 -16.56
C CYS A 77 3.94 12.28 -16.56
N TYR A 78 4.67 13.39 -16.54
CA TYR A 78 4.01 14.70 -16.47
C TYR A 78 3.23 15.01 -17.74
N SER A 79 3.64 14.46 -18.88
CA SER A 79 2.99 14.78 -20.14
C SER A 79 1.69 14.01 -20.32
N VAL A 80 1.79 12.69 -20.40
CA VAL A 80 0.65 11.85 -20.75
C VAL A 80 0.13 11.11 -19.54
N PHE A 81 0.93 10.19 -19.01
CA PHE A 81 0.49 9.30 -17.94
C PHE A 81 0.67 9.97 -16.58
N THR A 82 -0.16 10.99 -16.34
CA THR A 82 -0.12 11.77 -15.12
C THR A 82 -1.10 11.30 -14.06
N ASN A 83 -2.26 10.80 -14.46
CA ASN A 83 -3.32 10.43 -13.54
C ASN A 83 -3.58 8.92 -13.62
N ARG A 84 -4.40 8.46 -12.70
CA ARG A 84 -4.92 7.10 -12.71
C ARG A 84 -6.39 7.15 -13.13
N ARG A 85 -7.02 5.97 -13.18
CA ARG A 85 -8.42 5.92 -13.57
C ARG A 85 -9.28 6.69 -12.56
N PRO A 86 -10.19 7.54 -13.01
CA PRO A 86 -11.00 8.31 -12.06
C PRO A 86 -11.83 7.40 -11.18
N PHE A 87 -11.78 7.65 -9.87
CA PHE A 87 -12.48 6.83 -8.89
C PHE A 87 -13.97 7.17 -8.92
N GLY A 88 -14.71 6.66 -7.93
CA GLY A 88 -16.14 6.87 -7.86
C GLY A 88 -16.52 8.18 -7.20
N PRO A 89 -17.56 8.13 -6.37
CA PRO A 89 -18.03 9.36 -5.70
C PRO A 89 -17.03 9.87 -4.67
N VAL A 90 -16.21 10.83 -5.05
CA VAL A 90 -15.16 11.33 -4.16
C VAL A 90 -15.67 12.45 -3.27
N GLY A 91 -16.44 13.38 -3.81
CA GLY A 91 -16.92 14.49 -3.00
C GLY A 91 -15.80 15.47 -2.73
N PHE A 92 -15.67 15.87 -1.46
CA PHE A 92 -14.63 16.83 -1.08
C PHE A 92 -13.23 16.24 -1.16
N MET A 93 -13.12 14.91 -1.22
CA MET A 93 -11.82 14.26 -1.34
C MET A 93 -11.20 14.41 -2.73
N LYS A 94 -11.75 15.27 -3.59
CA LYS A 94 -11.10 15.55 -4.87
C LYS A 94 -9.74 16.21 -4.68
N SER A 95 -9.54 16.88 -3.53
CA SER A 95 -8.27 17.51 -3.20
C SER A 95 -7.31 16.53 -2.50
N ALA A 96 -7.56 15.24 -2.61
CA ALA A 96 -6.64 14.24 -2.10
C ALA A 96 -5.56 13.97 -3.14
N ILE A 97 -4.31 13.81 -2.67
CA ILE A 97 -3.19 13.67 -3.60
C ILE A 97 -3.33 12.42 -4.45
N SER A 98 -3.96 11.37 -3.92
CA SER A 98 -4.21 10.17 -4.70
C SER A 98 -5.40 10.32 -5.63
N ILE A 99 -6.29 11.27 -5.37
CA ILE A 99 -7.48 11.49 -6.18
C ILE A 99 -7.24 12.61 -7.16
N ALA A 100 -6.41 13.59 -6.77
CA ALA A 100 -6.18 14.77 -7.58
C ALA A 100 -5.55 14.39 -8.92
N GLU A 101 -5.75 15.25 -9.92
CA GLU A 101 -5.28 15.01 -11.27
C GLU A 101 -4.64 16.27 -11.83
N ASP A 102 -3.70 16.05 -12.76
CA ASP A 102 -3.11 17.09 -13.60
C ASP A 102 -2.44 18.14 -12.72
N GLU A 103 -2.70 19.44 -12.91
CA GLU A 103 -1.95 20.47 -12.20
C GLU A 103 -2.31 20.50 -10.71
N GLU A 104 -3.56 20.16 -10.37
CA GLU A 104 -3.93 20.13 -8.96
C GLU A 104 -3.09 19.12 -8.19
N TRP A 105 -2.82 17.96 -8.79
CA TRP A 105 -1.96 16.97 -8.14
C TRP A 105 -0.52 17.44 -8.08
N LYS A 106 -0.01 17.98 -9.20
CA LYS A 106 1.36 18.49 -9.21
C LYS A 106 1.57 19.55 -8.13
N ARG A 107 0.54 20.34 -7.83
CA ARG A 107 0.63 21.30 -6.73
C ARG A 107 0.66 20.58 -5.39
N LEU A 108 -0.28 19.66 -5.16
CA LEU A 108 -0.34 18.95 -3.89
C LEU A 108 0.89 18.08 -3.67
N ARG A 109 1.46 17.52 -4.74
CA ARG A 109 2.64 16.68 -4.60
C ARG A 109 3.83 17.49 -4.10
N SER A 110 4.00 18.72 -4.61
CA SER A 110 5.11 19.56 -4.16
C SER A 110 4.87 20.09 -2.75
N LEU A 111 3.62 20.43 -2.43
CA LEU A 111 3.31 20.95 -1.10
C LEU A 111 3.53 19.92 0.00
N LEU A 112 3.46 18.64 -0.33
CA LEU A 112 3.65 17.58 0.65
C LEU A 112 4.97 16.84 0.48
N SER A 113 5.77 17.19 -0.54
CA SER A 113 7.04 16.50 -0.75
C SER A 113 8.02 16.70 0.41
N PRO A 114 8.23 17.91 0.95
CA PRO A 114 9.15 18.04 2.09
C PRO A 114 8.68 17.32 3.34
N THR A 115 7.41 16.90 3.41
CA THR A 115 6.90 16.24 4.60
C THR A 115 7.44 14.83 4.75
N PHE A 116 7.67 14.13 3.63
CA PHE A 116 8.12 12.75 3.66
C PHE A 116 9.60 12.64 3.28
N THR A 117 10.48 13.28 4.05
CA THR A 117 11.90 13.31 3.75
C THR A 117 12.68 12.62 4.84
N SER A 118 13.83 12.06 4.46
CA SER A 118 14.78 11.49 5.42
C SER A 118 15.36 12.63 6.25
N GLY A 119 14.99 12.67 7.53
CA GLY A 119 15.29 13.81 8.37
C GLY A 119 14.02 14.27 9.05
N LYS A 120 13.01 14.61 8.25
CA LYS A 120 11.67 14.80 8.81
C LYS A 120 11.10 13.48 9.28
N LEU A 121 11.40 12.39 8.57
CA LEU A 121 11.06 11.06 9.06
C LEU A 121 11.92 10.67 10.25
N LYS A 122 13.18 11.11 10.28
CA LYS A 122 14.06 10.81 11.41
C LYS A 122 13.52 11.39 12.70
N GLU A 123 12.83 12.53 12.63
CA GLU A 123 12.24 13.15 13.81
C GLU A 123 10.97 12.44 14.28
N MET A 124 10.37 11.60 13.44
CA MET A 124 9.17 10.88 13.81
C MET A 124 9.45 9.52 14.43
N VAL A 125 10.69 9.01 14.32
CA VAL A 125 11.01 7.69 14.86
C VAL A 125 10.76 7.60 16.36
N PRO A 126 11.14 8.58 17.19
CA PRO A 126 10.81 8.46 18.62
C PRO A 126 9.33 8.37 18.90
N ILE A 127 8.48 8.88 18.02
CA ILE A 127 7.04 8.72 18.18
C ILE A 127 6.62 7.31 17.79
N ILE A 128 7.16 6.79 16.69
CA ILE A 128 6.77 5.47 16.21
C ILE A 128 7.30 4.38 17.13
N ALA A 129 8.51 4.55 17.65
CA ALA A 129 9.10 3.53 18.51
C ALA A 129 8.32 3.39 19.82
N GLN A 130 7.80 4.50 20.35
CA GLN A 130 7.03 4.43 21.59
C GLN A 130 5.76 3.61 21.41
N TYR A 131 5.22 3.59 20.19
CA TYR A 131 4.06 2.74 19.90
C TYR A 131 4.45 1.28 19.72
N GLY A 132 5.72 0.99 19.41
CA GLY A 132 6.17 -0.38 19.41
C GLY A 132 6.17 -0.99 20.81
N ASP A 133 6.35 -0.14 21.83
CA ASP A 133 6.32 -0.63 23.21
C ASP A 133 4.92 -1.11 23.58
N VAL A 134 3.90 -0.32 23.26
CA VAL A 134 2.52 -0.75 23.51
C VAL A 134 2.22 -2.02 22.74
N LEU A 135 2.83 -2.19 21.56
CA LEU A 135 2.64 -3.42 20.80
C LEU A 135 3.27 -4.61 21.52
N VAL A 136 4.44 -4.41 22.13
CA VAL A 136 5.10 -5.50 22.83
C VAL A 136 4.30 -5.91 24.07
N ARG A 137 3.71 -4.93 24.76
CA ARG A 137 2.94 -5.25 25.96
C ARG A 137 1.65 -5.97 25.61
N ASN A 138 0.99 -5.57 24.51
CA ASN A 138 -0.27 -6.19 24.15
C ASN A 138 -0.09 -7.55 23.50
N LEU A 139 1.05 -7.78 22.83
CA LEU A 139 1.33 -9.10 22.29
C LEU A 139 1.66 -10.09 23.40
N ARG A 140 2.43 -9.65 24.40
CA ARG A 140 2.71 -10.50 25.56
C ARG A 140 1.43 -10.84 26.32
N ARG A 141 0.39 -10.02 26.19
CA ARG A 141 -0.88 -10.31 26.86
C ARG A 141 -1.49 -11.60 26.33
N GLU A 142 -1.59 -11.74 25.00
CA GLU A 142 -2.08 -12.98 24.41
C GLU A 142 -1.06 -14.10 24.51
N ALA A 143 0.19 -13.79 24.86
CA ALA A 143 1.17 -14.85 25.10
C ALA A 143 0.92 -15.54 26.43
N GLU A 144 0.42 -14.80 27.43
CA GLU A 144 0.17 -15.40 28.74
C GLU A 144 -1.03 -16.34 28.69
N THR A 145 -1.96 -16.12 27.77
CA THR A 145 -3.10 -17.02 27.60
C THR A 145 -2.73 -18.32 26.90
N GLY A 146 -1.46 -18.49 26.50
CA GLY A 146 -1.03 -19.71 25.85
C GLY A 146 -1.82 -20.09 24.63
N LYS A 147 -2.48 -19.13 23.99
CA LYS A 147 -3.33 -19.39 22.84
C LYS A 147 -2.71 -18.81 21.57
N PRO A 148 -3.00 -19.41 20.42
CA PRO A 148 -2.49 -18.85 19.15
C PRO A 148 -3.00 -17.44 18.94
N VAL A 149 -2.07 -16.54 18.63
CA VAL A 149 -2.37 -15.11 18.51
C VAL A 149 -2.85 -14.81 17.10
N THR A 150 -3.92 -14.04 16.99
CA THR A 150 -4.38 -13.51 15.70
C THR A 150 -3.62 -12.21 15.46
N LEU A 151 -2.63 -12.27 14.55
CA LEU A 151 -1.74 -11.14 14.34
C LEU A 151 -2.45 -9.92 13.78
N LYS A 152 -3.62 -10.11 13.16
CA LYS A 152 -4.35 -8.96 12.62
C LYS A 152 -4.78 -8.00 13.72
N ASP A 153 -4.98 -8.50 14.94
CA ASP A 153 -5.41 -7.64 16.03
C ASP A 153 -4.24 -6.80 16.55
N VAL A 154 -3.10 -7.44 16.84
CA VAL A 154 -1.97 -6.73 17.40
C VAL A 154 -1.33 -5.82 16.35
N PHE A 155 -1.09 -6.34 15.14
CA PHE A 155 -0.50 -5.54 14.08
C PHE A 155 -1.48 -4.46 13.61
N GLY A 156 -2.76 -4.81 13.49
CA GLY A 156 -3.75 -3.82 13.11
C GLY A 156 -3.86 -2.68 14.11
N ALA A 157 -3.66 -2.98 15.40
CA ALA A 157 -3.68 -1.93 16.41
C ALA A 157 -2.45 -1.04 16.31
N TYR A 158 -1.28 -1.65 16.12
CA TYR A 158 -0.04 -0.86 16.05
C TYR A 158 -0.07 0.12 14.89
N SER A 159 -0.42 -0.37 13.69
CA SER A 159 -0.45 0.50 12.52
C SER A 159 -1.48 1.62 12.69
N MET A 160 -2.61 1.31 13.32
CA MET A 160 -3.62 2.34 13.56
C MET A 160 -3.12 3.38 14.55
N ASP A 161 -2.41 2.94 15.59
CA ASP A 161 -1.93 3.87 16.60
C ASP A 161 -0.81 4.76 16.05
N VAL A 162 0.03 4.21 15.18
CA VAL A 162 1.13 4.99 14.62
C VAL A 162 0.60 6.02 13.61
N ILE A 163 -0.30 5.59 12.74
CA ILE A 163 -0.75 6.48 11.67
C ILE A 163 -1.63 7.59 12.22
N THR A 164 -2.29 7.38 13.36
CA THR A 164 -3.13 8.43 13.93
C THR A 164 -2.29 9.49 14.64
N SER A 165 -1.31 9.07 15.44
CA SER A 165 -0.46 10.03 16.14
C SER A 165 0.45 10.78 15.19
N THR A 166 0.89 10.13 14.10
CA THR A 166 1.76 10.81 13.15
C THR A 166 0.98 11.78 12.28
N SER A 167 -0.25 11.42 11.90
CA SER A 167 -1.05 12.25 11.01
C SER A 167 -1.99 13.20 11.74
N PHE A 168 -2.03 13.16 13.07
CA PHE A 168 -2.86 14.08 13.83
C PHE A 168 -2.22 14.57 15.12
N GLY A 169 -1.02 14.13 15.45
CA GLY A 169 -0.36 14.59 16.66
C GLY A 169 -0.90 13.97 17.93
N VAL A 170 -2.20 13.66 17.93
CA VAL A 170 -2.85 13.12 19.12
C VAL A 170 -2.28 11.75 19.44
N ASN A 171 -1.64 11.64 20.61
CA ASN A 171 -1.05 10.38 21.05
C ASN A 171 -2.15 9.56 21.73
N ILE A 172 -2.93 8.85 20.90
CA ILE A 172 -3.99 8.00 21.41
C ILE A 172 -3.47 6.80 22.17
N ASP A 173 -2.17 6.48 22.03
CA ASP A 173 -1.48 5.43 22.80
C ASP A 173 -2.21 4.12 22.53
N SER A 174 -2.63 3.38 23.56
CA SER A 174 -3.30 2.10 23.37
C SER A 174 -4.70 2.34 22.79
N LEU A 175 -4.93 1.84 21.58
CA LEU A 175 -6.25 1.85 20.97
C LEU A 175 -6.85 0.46 20.85
N ASN A 176 -6.18 -0.55 21.39
CA ASN A 176 -6.75 -1.90 21.38
C ASN A 176 -8.06 -1.96 22.15
N ASN A 177 -8.21 -1.13 23.18
CA ASN A 177 -9.41 -1.12 24.01
C ASN A 177 -9.94 0.29 24.28
N PRO A 178 -9.12 1.26 24.69
CA PRO A 178 -9.65 2.60 24.98
C PRO A 178 -10.41 3.19 23.79
N GLN A 179 -11.45 3.95 24.11
CA GLN A 179 -12.39 4.48 23.12
C GLN A 179 -12.40 6.00 23.21
N ASP A 180 -11.28 6.62 22.82
CA ASP A 180 -11.26 8.06 22.64
C ASP A 180 -12.24 8.44 21.53
N PRO A 181 -12.90 9.60 21.64
CA PRO A 181 -13.74 10.05 20.53
C PRO A 181 -13.04 10.04 19.18
N PHE A 182 -11.71 10.17 19.17
CA PHE A 182 -10.96 9.98 17.93
C PHE A 182 -11.03 8.52 17.49
N VAL A 183 -10.76 7.59 18.41
CA VAL A 183 -10.78 6.17 18.07
C VAL A 183 -12.19 5.74 17.65
N GLU A 184 -13.22 6.37 18.20
CA GLU A 184 -14.58 6.04 17.81
C GLU A 184 -14.85 6.41 16.35
N ASN A 185 -14.50 7.64 15.96
CA ASN A 185 -14.71 8.07 14.58
C ASN A 185 -13.68 7.45 13.64
N THR A 186 -12.49 7.14 14.15
CA THR A 186 -11.47 6.52 13.30
C THR A 186 -11.86 5.09 12.95
N LYS A 187 -12.21 4.28 13.95
CA LYS A 187 -12.65 2.92 13.68
C LYS A 187 -13.95 2.91 12.87
N LYS A 188 -14.74 3.99 12.95
CA LYS A 188 -15.92 4.10 12.12
C LYS A 188 -15.57 4.49 10.68
N LEU A 189 -14.64 5.44 10.53
CA LEU A 189 -14.24 5.87 9.19
C LEU A 189 -13.42 4.79 8.50
N LEU A 190 -12.55 4.10 9.23
CA LEU A 190 -11.77 3.02 8.64
C LEU A 190 -12.62 1.78 8.34
N ARG A 191 -13.92 1.83 8.62
CA ARG A 191 -14.85 0.78 8.21
C ARG A 191 -15.65 1.16 6.97
N PHE A 192 -15.33 2.30 6.36
CA PHE A 192 -16.01 2.76 5.15
C PHE A 192 -15.29 2.35 3.88
N ASP A 193 -14.37 1.39 3.96
CA ASP A 193 -13.58 0.93 2.81
C ASP A 193 -13.58 -0.59 2.79
N PHE A 194 -14.75 -1.17 2.49
CA PHE A 194 -14.88 -2.61 2.30
C PHE A 194 -14.67 -3.02 0.84
N LEU A 195 -14.13 -2.13 0.01
CA LEU A 195 -13.86 -2.39 -1.39
C LEU A 195 -15.13 -2.77 -2.15
N ASP A 196 -15.58 -4.03 -1.98
CA ASP A 196 -16.71 -4.58 -2.74
C ASP A 196 -17.90 -3.65 -2.91
N PRO A 197 -18.37 -2.93 -1.89
CA PRO A 197 -19.48 -1.99 -2.13
C PRO A 197 -19.10 -0.94 -3.15
N PHE A 198 -19.85 -0.92 -4.26
CA PHE A 198 -19.74 0.05 -5.34
C PHE A 198 -18.48 -0.11 -6.18
N PHE A 199 -17.30 -0.06 -5.54
CA PHE A 199 -16.02 0.03 -6.25
C PHE A 199 -15.92 -0.94 -7.42
N LEU A 200 -16.30 -2.21 -7.21
CA LEU A 200 -16.21 -3.18 -8.29
C LEU A 200 -17.25 -2.91 -9.37
N SER A 201 -18.50 -2.66 -8.97
CA SER A 201 -19.56 -2.38 -9.93
C SER A 201 -19.39 -1.01 -10.59
N ILE A 202 -18.56 -0.14 -10.02
CA ILE A 202 -18.33 1.18 -10.62
C ILE A 202 -17.62 1.03 -11.97
N THR A 203 -16.68 0.10 -12.07
CA THR A 203 -15.95 -0.09 -13.33
C THR A 203 -16.88 -0.58 -14.43
N VAL A 204 -17.90 -1.37 -14.08
CA VAL A 204 -18.85 -1.86 -15.08
C VAL A 204 -19.73 -0.71 -15.56
N PHE A 205 -20.19 0.14 -14.63
CA PHE A 205 -21.07 1.26 -14.94
C PHE A 205 -20.40 2.55 -14.45
N PRO A 206 -19.39 3.05 -15.16
CA PRO A 206 -18.81 4.34 -14.78
C PRO A 206 -19.77 5.49 -14.97
N PHE A 207 -20.86 5.29 -15.72
CA PHE A 207 -21.88 6.31 -15.91
C PHE A 207 -22.66 6.59 -14.62
N LEU A 208 -22.54 5.74 -13.61
CA LEU A 208 -23.20 5.96 -12.33
C LEU A 208 -22.39 6.83 -11.38
N ILE A 209 -21.11 7.06 -11.67
CA ILE A 209 -20.30 7.92 -10.80
C ILE A 209 -20.88 9.32 -10.68
N PRO A 210 -21.21 10.03 -11.76
CA PRO A 210 -21.74 11.39 -11.59
C PRO A 210 -23.11 11.43 -10.92
N ILE A 211 -23.86 10.32 -10.96
CA ILE A 211 -25.17 10.30 -10.30
C ILE A 211 -25.00 10.33 -8.78
N LEU A 212 -24.04 9.56 -8.26
CA LEU A 212 -23.87 9.45 -6.83
C LEU A 212 -23.21 10.68 -6.21
N GLU A 213 -22.39 11.40 -6.98
CA GLU A 213 -21.74 12.59 -6.44
C GLU A 213 -22.75 13.69 -6.15
N VAL A 214 -23.71 13.89 -7.05
CA VAL A 214 -24.75 14.91 -6.83
C VAL A 214 -25.82 14.44 -5.87
N LEU A 215 -25.81 13.18 -5.46
CA LEU A 215 -26.77 12.64 -4.52
C LEU A 215 -26.34 12.80 -3.07
N ASN A 216 -25.31 13.59 -2.82
CA ASN A 216 -24.85 13.91 -1.47
C ASN A 216 -24.36 12.70 -0.70
N ILE A 217 -24.32 11.53 -1.31
CA ILE A 217 -23.80 10.32 -0.69
C ILE A 217 -22.30 10.25 -0.96
N CYS A 218 -21.52 10.21 0.11
CA CYS A 218 -20.07 10.22 0.03
C CYS A 218 -19.50 8.93 0.63
N VAL A 219 -18.19 8.77 0.45
CA VAL A 219 -17.52 7.57 0.97
C VAL A 219 -17.37 7.66 2.48
N PHE A 220 -16.85 8.79 2.98
CA PHE A 220 -16.66 8.98 4.41
C PHE A 220 -17.84 9.76 4.97
N PRO A 221 -18.54 9.25 5.98
CA PRO A 221 -19.65 10.01 6.56
C PRO A 221 -19.22 11.39 7.02
N ARG A 222 -20.01 12.40 6.67
CA ARG A 222 -19.65 13.77 6.97
C ARG A 222 -19.54 14.02 8.47
N GLU A 223 -20.25 13.24 9.28
CA GLU A 223 -20.17 13.38 10.73
C GLU A 223 -18.75 13.13 11.23
N VAL A 224 -18.15 12.03 10.79
CA VAL A 224 -16.76 11.77 11.13
C VAL A 224 -15.85 12.82 10.52
N THR A 225 -16.15 13.24 9.29
CA THR A 225 -15.39 14.32 8.66
C THR A 225 -15.49 15.60 9.47
N ASN A 226 -16.70 15.94 9.94
CA ASN A 226 -16.85 17.10 10.81
C ASN A 226 -16.05 16.93 12.09
N PHE A 227 -16.02 15.72 12.65
CA PHE A 227 -15.25 15.48 13.86
C PHE A 227 -13.75 15.61 13.58
N LEU A 228 -13.31 15.17 12.40
CA LEU A 228 -11.90 15.31 12.04
C LEU A 228 -11.52 16.77 11.84
N ARG A 229 -12.48 17.62 11.46
CA ARG A 229 -12.17 19.03 11.27
C ARG A 229 -11.95 19.73 12.60
N LYS A 230 -12.76 19.41 13.61
CA LYS A 230 -12.55 20.01 14.93
C LYS A 230 -11.22 19.57 15.52
N SER A 231 -10.87 18.29 15.37
CA SER A 231 -9.59 17.80 15.86
C SER A 231 -8.41 18.49 15.20
N VAL A 232 -8.60 19.04 14.01
CA VAL A 232 -7.55 19.83 13.37
C VAL A 232 -7.60 21.28 13.87
N LYS A 233 -8.80 21.86 13.93
CA LYS A 233 -8.92 23.24 14.39
C LYS A 233 -8.54 23.37 15.86
N ARG A 234 -9.00 22.44 16.71
CA ARG A 234 -8.62 22.48 18.11
C ARG A 234 -7.13 22.28 18.29
N MET A 235 -6.52 21.41 17.49
CA MET A 235 -5.07 21.27 17.51
C MET A 235 -4.40 22.53 16.96
N LYS A 236 -4.98 23.13 15.92
CA LYS A 236 -4.46 24.40 15.42
C LYS A 236 -4.69 25.52 16.42
N GLU A 237 -5.78 25.45 17.19
CA GLU A 237 -6.03 26.44 18.22
C GLU A 237 -5.09 26.31 19.41
N SER A 238 -4.41 25.17 19.54
CA SER A 238 -3.44 24.99 20.61
C SER A 238 -2.13 25.73 20.36
N ARG A 239 -1.82 26.01 19.10
CA ARG A 239 -0.60 26.74 18.76
C ARG A 239 -0.94 28.04 18.04
N ASP A 249 2.87 13.95 13.63
CA ASP A 249 3.49 15.24 13.34
C ASP A 249 3.29 15.65 11.89
N PHE A 250 2.57 14.82 11.12
CA PHE A 250 2.24 15.18 9.76
C PHE A 250 1.45 16.49 9.71
N LEU A 251 0.47 16.66 10.60
CA LEU A 251 -0.30 17.89 10.63
C LEU A 251 0.56 19.08 11.04
N GLN A 252 1.59 18.84 11.85
CA GLN A 252 2.47 19.94 12.25
C GLN A 252 3.35 20.39 11.10
N LEU A 253 3.71 19.47 10.20
CA LEU A 253 4.55 19.84 9.06
C LEU A 253 3.75 20.52 7.96
N MET A 254 2.47 20.19 7.81
CA MET A 254 1.63 20.84 6.81
C MET A 254 1.10 22.18 7.30
N ILE A 255 0.95 22.34 8.62
CA ILE A 255 0.62 23.65 9.16
C ILE A 255 1.78 24.62 8.99
N ASP A 256 3.00 24.13 9.24
CA ASP A 256 4.19 24.95 9.00
C ASP A 256 4.33 25.33 7.53
N SER A 257 3.88 24.45 6.62
CA SER A 257 3.87 24.80 5.21
C SER A 257 2.86 25.90 4.91
N GLN A 258 1.76 25.94 5.66
CA GLN A 258 0.79 27.02 5.48
C GLN A 258 1.37 28.37 5.89
N ASN A 259 2.27 28.38 6.86
CA ASN A 259 2.93 29.61 7.31
C ASN A 259 4.29 29.70 6.63
N SER A 260 4.26 30.17 5.39
CA SER A 260 5.49 30.32 4.59
C SER A 260 5.27 31.32 3.46
N LYS A 267 1.30 28.59 -4.55
CA LYS A 267 -0.15 28.70 -4.52
C LYS A 267 -0.71 28.35 -3.15
N ALA A 268 0.17 28.32 -2.15
CA ALA A 268 -0.20 28.06 -0.76
C ALA A 268 -0.89 26.71 -0.60
N LEU A 269 -1.44 26.46 0.59
CA LEU A 269 -2.11 25.20 0.89
C LEU A 269 -3.33 25.49 1.74
N SER A 270 -4.49 25.02 1.30
CA SER A 270 -5.75 25.34 1.95
C SER A 270 -5.96 24.51 3.22
N ASP A 271 -6.89 24.97 4.05
CA ASP A 271 -7.21 24.23 5.26
C ASP A 271 -8.09 23.02 4.96
N LEU A 272 -9.07 23.17 4.05
CA LEU A 272 -9.87 22.03 3.64
C LEU A 272 -9.02 21.00 2.93
N GLU A 273 -8.05 21.44 2.12
CA GLU A 273 -7.16 20.50 1.45
C GLU A 273 -6.30 19.74 2.45
N LEU A 274 -5.89 20.40 3.53
CA LEU A 274 -5.05 19.73 4.52
C LEU A 274 -5.79 18.59 5.20
N VAL A 275 -7.11 18.76 5.42
CA VAL A 275 -7.89 17.70 6.04
C VAL A 275 -7.96 16.48 5.14
N ALA A 276 -8.21 16.69 3.84
CA ALA A 276 -8.30 15.57 2.91
C ALA A 276 -6.98 14.80 2.82
N GLN A 277 -5.86 15.51 2.89
CA GLN A 277 -4.57 14.84 2.80
C GLN A 277 -4.30 14.00 4.04
N SER A 278 -4.67 14.49 5.21
CA SER A 278 -4.48 13.72 6.43
C SER A 278 -5.35 12.48 6.46
N ILE A 279 -6.53 12.54 5.85
CA ILE A 279 -7.41 11.37 5.79
C ILE A 279 -6.81 10.29 4.89
N ILE A 280 -6.14 10.71 3.81
CA ILE A 280 -5.54 9.75 2.89
C ILE A 280 -4.45 8.94 3.58
N PHE A 281 -3.65 9.60 4.43
CA PHE A 281 -2.56 8.90 5.11
C PHE A 281 -3.07 7.80 6.02
N ILE A 282 -4.25 7.98 6.62
CA ILE A 282 -4.82 6.95 7.49
C ILE A 282 -5.21 5.73 6.66
N PHE A 283 -6.02 5.94 5.62
CA PHE A 283 -6.39 4.83 4.74
C PHE A 283 -5.16 4.18 4.13
N ALA A 284 -4.18 4.98 3.73
CA ALA A 284 -3.01 4.45 3.04
C ALA A 284 -2.21 3.53 3.95
N GLY A 285 -1.87 4.01 5.15
CA GLY A 285 -0.99 3.28 6.04
C GLY A 285 -1.65 2.33 7.01
N TYR A 286 -2.95 2.06 6.87
CA TYR A 286 -3.63 1.18 7.82
C TYR A 286 -3.48 -0.28 7.41
N GLU A 287 -4.37 -0.76 6.54
CA GLU A 287 -4.33 -2.17 6.15
C GLU A 287 -3.06 -2.54 5.41
N THR A 288 -2.38 -1.56 4.79
CA THR A 288 -1.13 -1.87 4.10
C THR A 288 -0.04 -2.24 5.09
N THR A 289 0.16 -1.41 6.12
CA THR A 289 1.21 -1.68 7.10
C THR A 289 0.93 -2.97 7.87
N SER A 290 -0.34 -3.21 8.22
CA SER A 290 -0.67 -4.41 8.98
C SER A 290 -0.51 -5.67 8.13
N SER A 291 -1.00 -5.63 6.89
CA SER A 291 -0.91 -6.81 6.03
C SER A 291 0.54 -7.23 5.82
N VAL A 292 1.40 -6.28 5.46
CA VAL A 292 2.81 -6.59 5.26
C VAL A 292 3.43 -7.15 6.53
N LEU A 293 3.12 -6.53 7.68
CA LEU A 293 3.61 -7.05 8.95
C LEU A 293 3.09 -8.46 9.21
N SER A 294 1.89 -8.78 8.71
CA SER A 294 1.38 -10.13 8.82
C SER A 294 2.03 -11.06 7.79
N PHE A 295 2.19 -10.57 6.55
CA PHE A 295 2.87 -11.37 5.53
C PHE A 295 4.30 -11.70 5.94
N ILE A 296 4.98 -10.77 6.61
CA ILE A 296 6.36 -11.00 7.00
C ILE A 296 6.45 -12.07 8.08
N MET A 297 5.62 -11.97 9.12
CA MET A 297 5.71 -12.91 10.22
C MET A 297 5.30 -14.32 9.80
N TYR A 298 4.42 -14.44 8.81
CA TYR A 298 4.12 -15.75 8.25
C TYR A 298 5.36 -16.36 7.61
N GLU A 299 6.11 -15.57 6.85
CA GLU A 299 7.33 -16.09 6.22
C GLU A 299 8.43 -16.32 7.23
N LEU A 300 8.51 -15.48 8.28
CA LEU A 300 9.48 -15.71 9.33
C LEU A 300 9.16 -16.97 10.12
N ALA A 301 7.89 -17.37 10.16
CA ALA A 301 7.51 -18.59 10.87
C ALA A 301 7.74 -19.83 10.01
N THR A 302 7.31 -19.77 8.75
CA THR A 302 7.49 -20.91 7.86
C THR A 302 8.97 -21.14 7.53
N HIS A 303 9.78 -20.08 7.53
CA HIS A 303 11.22 -20.17 7.30
C HIS A 303 11.90 -19.69 8.58
N PRO A 304 12.00 -20.56 9.60
CA PRO A 304 12.61 -20.12 10.87
C PRO A 304 14.09 -19.88 10.78
N ASP A 305 14.77 -20.42 9.77
CA ASP A 305 16.18 -20.10 9.56
C ASP A 305 16.37 -18.62 9.26
N VAL A 306 15.39 -18.00 8.60
CA VAL A 306 15.45 -16.57 8.35
C VAL A 306 15.15 -15.78 9.62
N GLN A 307 14.14 -16.23 10.38
CA GLN A 307 13.77 -15.52 11.60
C GLN A 307 14.92 -15.51 12.61
N GLN A 308 15.64 -16.62 12.72
CA GLN A 308 16.78 -16.67 13.63
C GLN A 308 17.89 -15.75 13.16
N LYS A 309 18.21 -15.79 11.86
CA LYS A 309 19.27 -14.93 11.34
C LYS A 309 18.94 -13.46 11.52
N LEU A 310 17.66 -13.10 11.41
CA LEU A 310 17.25 -11.72 11.64
C LEU A 310 17.40 -11.34 13.11
N GLN A 311 16.94 -12.22 14.01
CA GLN A 311 17.05 -11.92 15.44
C GLN A 311 18.49 -11.78 15.89
N GLU A 312 19.42 -12.53 15.26
CA GLU A 312 20.83 -12.37 15.58
C GLU A 312 21.34 -11.01 15.12
N GLU A 313 20.87 -10.53 13.97
CA GLU A 313 21.26 -9.19 13.51
C GLU A 313 20.61 -8.11 14.35
N ILE A 314 19.37 -8.33 14.78
CA ILE A 314 18.69 -7.35 15.62
C ILE A 314 19.39 -7.22 16.97
N ASP A 315 19.79 -8.35 17.56
CA ASP A 315 20.50 -8.33 18.84
C ASP A 315 21.94 -7.89 18.70
N ALA A 316 22.55 -8.06 17.53
CA ALA A 316 23.92 -7.59 17.33
C ALA A 316 23.97 -6.07 17.19
N VAL A 317 23.11 -5.52 16.34
CA VAL A 317 23.05 -4.07 16.20
C VAL A 317 22.46 -3.43 17.45
N LEU A 318 21.45 -4.08 18.04
CA LEU A 318 20.75 -3.57 19.23
C LEU A 318 20.90 -4.58 20.35
N PRO A 319 21.97 -4.51 21.14
CA PRO A 319 22.16 -5.47 22.22
C PRO A 319 21.23 -5.20 23.40
N ASN A 320 20.83 -6.28 24.06
CA ASN A 320 19.98 -6.23 25.25
C ASN A 320 18.66 -5.51 24.96
N LYS A 321 18.03 -5.89 23.85
CA LYS A 321 16.74 -5.32 23.43
C LYS A 321 16.82 -3.79 23.36
N ALA A 322 17.91 -3.30 22.77
CA ALA A 322 18.13 -1.86 22.70
C ALA A 322 17.04 -1.19 21.86
N PRO A 323 16.77 0.09 22.10
CA PRO A 323 15.73 0.78 21.33
C PRO A 323 16.16 0.95 19.88
N PRO A 324 15.24 0.76 18.94
CA PRO A 324 15.59 0.92 17.51
C PRO A 324 15.76 2.39 17.16
N THR A 325 16.98 2.75 16.75
CA THR A 325 17.28 4.10 16.32
C THR A 325 17.13 4.20 14.80
N TYR A 326 16.81 5.41 14.33
CA TYR A 326 16.65 5.63 12.89
C TYR A 326 17.89 5.19 12.13
N ASP A 327 19.07 5.53 12.64
CA ASP A 327 20.31 5.18 11.93
C ASP A 327 20.63 3.69 12.06
N THR A 328 20.25 3.06 13.17
CA THR A 328 20.49 1.63 13.33
C THR A 328 19.59 0.80 12.43
N VAL A 329 18.35 1.26 12.19
CA VAL A 329 17.46 0.56 11.27
C VAL A 329 18.04 0.59 9.86
N LEU A 330 18.64 1.72 9.48
CA LEU A 330 19.30 1.82 8.19
C LEU A 330 20.61 1.03 8.13
N GLN A 331 21.06 0.49 9.26
CA GLN A 331 22.25 -0.36 9.30
C GLN A 331 21.92 -1.85 9.28
N MET A 332 20.76 -2.24 9.78
CA MET A 332 20.34 -3.64 9.75
C MET A 332 20.02 -4.04 8.32
N GLU A 333 20.92 -4.82 7.70
CA GLU A 333 20.80 -5.13 6.28
C GLU A 333 19.86 -6.30 6.03
N TYR A 334 19.96 -7.36 6.85
CA TYR A 334 19.09 -8.52 6.65
C TYR A 334 17.63 -8.17 6.91
N LEU A 335 17.37 -7.26 7.85
CA LEU A 335 16.02 -6.77 8.05
C LEU A 335 15.48 -6.12 6.78
N ASP A 336 16.34 -5.37 6.08
CA ASP A 336 15.92 -4.80 4.80
C ASP A 336 15.67 -5.87 3.76
N MET A 337 16.42 -6.97 3.81
CA MET A 337 16.23 -8.04 2.83
C MET A 337 14.95 -8.83 3.11
N VAL A 338 14.61 -9.02 4.38
CA VAL A 338 13.40 -9.76 4.72
C VAL A 338 12.16 -8.99 4.32
N VAL A 339 12.16 -7.66 4.52
CA VAL A 339 11.01 -6.85 4.14
C VAL A 339 10.86 -6.81 2.62
N ASN A 340 11.98 -6.64 1.91
CA ASN A 340 11.91 -6.51 0.46
C ASN A 340 11.45 -7.81 -0.20
N GLU A 341 11.91 -8.95 0.30
CA GLU A 341 11.49 -10.22 -0.27
C GLU A 341 10.01 -10.50 -0.04
N THR A 342 9.48 -10.06 1.11
CA THR A 342 8.05 -10.22 1.34
C THR A 342 7.23 -9.33 0.41
N LEU A 343 7.69 -8.10 0.17
CA LEU A 343 6.99 -7.20 -0.73
C LEU A 343 7.04 -7.69 -2.17
N ARG A 344 8.04 -8.49 -2.54
CA ARG A 344 8.04 -9.11 -3.86
C ARG A 344 6.91 -10.13 -3.98
N LEU A 345 6.88 -11.09 -3.05
CA LEU A 345 5.84 -12.12 -3.07
C LEU A 345 4.45 -11.51 -2.89
N PHE A 346 4.35 -10.36 -2.22
CA PHE A 346 3.06 -9.77 -1.86
C PHE A 346 3.08 -8.28 -2.15
N PRO A 347 2.85 -7.88 -3.40
CA PRO A 347 2.62 -6.46 -3.70
C PRO A 347 1.19 -6.08 -3.37
N ILE A 348 1.02 -5.33 -2.27
CA ILE A 348 -0.31 -5.05 -1.75
C ILE A 348 -1.17 -4.33 -2.80
N ALA A 349 -0.56 -3.47 -3.61
CA ALA A 349 -1.30 -2.78 -4.65
C ALA A 349 -1.55 -3.67 -5.87
N MET A 350 -0.75 -4.73 -6.05
CA MET A 350 -0.91 -5.69 -7.13
C MET A 350 -0.65 -5.07 -8.51
N ARG A 351 -1.24 -3.91 -8.78
CA ARG A 351 -1.15 -3.28 -10.09
C ARG A 351 -0.77 -1.82 -9.94
N LEU A 352 -0.21 -1.27 -11.01
CA LEU A 352 -0.03 0.16 -11.19
C LEU A 352 -0.81 0.58 -12.42
N GLU A 353 -1.45 1.75 -12.36
CA GLU A 353 -2.34 2.18 -13.43
C GLU A 353 -2.12 3.64 -13.78
N ARG A 354 -2.07 3.93 -15.07
CA ARG A 354 -1.97 5.29 -15.58
C ARG A 354 -2.93 5.44 -16.76
N VAL A 355 -3.59 6.59 -16.83
CA VAL A 355 -4.51 6.89 -17.90
C VAL A 355 -3.78 7.66 -18.99
N CYS A 356 -3.88 7.18 -20.23
CA CYS A 356 -3.25 7.83 -21.36
C CYS A 356 -4.00 9.10 -21.72
N LYS A 357 -3.33 10.24 -21.58
CA LYS A 357 -4.00 11.53 -21.77
C LYS A 357 -4.12 11.93 -23.23
N LYS A 358 -3.26 11.40 -24.10
CA LYS A 358 -3.30 11.76 -25.51
C LYS A 358 -2.67 10.64 -26.33
N ASP A 359 -3.04 10.58 -27.61
CA ASP A 359 -2.52 9.55 -28.50
C ASP A 359 -1.00 9.63 -28.58
N VAL A 360 -0.33 8.55 -28.20
CA VAL A 360 1.12 8.50 -28.13
C VAL A 360 1.61 7.15 -28.65
N GLU A 361 2.92 7.06 -28.83
CA GLU A 361 3.59 5.85 -29.32
C GLU A 361 4.77 5.58 -28.40
N ILE A 362 4.60 4.66 -27.46
CA ILE A 362 5.59 4.39 -26.42
C ILE A 362 6.42 3.19 -26.85
N ASN A 363 7.69 3.45 -27.15
CA ASN A 363 8.66 2.39 -27.49
C ASN A 363 8.15 1.49 -28.61
N GLY A 364 7.44 2.09 -29.57
CA GLY A 364 6.95 1.35 -30.71
C GLY A 364 5.63 0.66 -30.48
N MET A 365 4.68 1.37 -29.88
CA MET A 365 3.34 0.84 -29.69
C MET A 365 2.37 2.00 -29.53
N PHE A 366 1.30 1.99 -30.32
CA PHE A 366 0.31 3.07 -30.26
C PHE A 366 -0.68 2.82 -29.13
N ILE A 367 -0.85 3.83 -28.28
CA ILE A 367 -1.86 3.78 -27.22
C ILE A 367 -2.81 4.96 -27.42
N PRO A 368 -4.06 4.71 -27.77
CA PRO A 368 -5.00 5.83 -27.97
C PRO A 368 -5.38 6.49 -26.66
N LYS A 369 -6.07 7.63 -26.80
CA LYS A 369 -6.46 8.41 -25.64
C LYS A 369 -7.51 7.67 -24.82
N GLY A 370 -7.44 7.86 -23.49
CA GLY A 370 -8.37 7.26 -22.58
C GLY A 370 -8.02 5.87 -22.10
N VAL A 371 -7.17 5.15 -22.84
CA VAL A 371 -6.81 3.80 -22.47
C VAL A 371 -6.00 3.82 -21.17
N VAL A 372 -6.31 2.90 -20.27
CA VAL A 372 -5.59 2.77 -19.01
C VAL A 372 -4.43 1.81 -19.22
N VAL A 373 -3.21 2.28 -18.91
CA VAL A 373 -2.02 1.44 -18.99
C VAL A 373 -1.77 0.83 -17.62
N MET A 374 -1.65 -0.50 -17.58
CA MET A 374 -1.54 -1.24 -16.33
C MET A 374 -0.23 -2.01 -16.31
N ILE A 375 0.42 -2.03 -15.15
CA ILE A 375 1.64 -2.80 -14.93
C ILE A 375 1.32 -3.89 -13.91
N PRO A 376 1.26 -5.16 -14.32
CA PRO A 376 0.94 -6.22 -13.35
C PRO A 376 2.09 -6.49 -12.40
N SER A 377 2.20 -5.67 -11.34
CA SER A 377 3.31 -5.81 -10.41
C SER A 377 3.37 -7.21 -9.82
N TYR A 378 2.23 -7.76 -9.43
CA TYR A 378 2.23 -9.12 -8.89
C TYR A 378 2.75 -10.12 -9.92
N ALA A 379 2.32 -9.99 -11.17
CA ALA A 379 2.77 -10.92 -12.20
C ALA A 379 4.25 -10.75 -12.49
N LEU A 380 4.75 -9.51 -12.49
CA LEU A 380 6.16 -9.28 -12.75
C LEU A 380 7.03 -9.72 -11.58
N HIS A 381 6.52 -9.61 -10.35
CA HIS A 381 7.27 -10.05 -9.19
C HIS A 381 7.42 -11.56 -9.14
N ARG A 382 6.55 -12.30 -9.84
CA ARG A 382 6.63 -13.76 -9.90
C ARG A 382 6.86 -14.26 -11.31
N ASP A 383 7.40 -13.42 -12.18
CA ASP A 383 7.72 -13.83 -13.54
C ASP A 383 8.99 -14.65 -13.53
N PRO A 384 8.99 -15.88 -14.06
CA PRO A 384 10.18 -16.74 -13.99
C PRO A 384 11.37 -16.21 -14.77
N LYS A 385 11.20 -15.21 -15.64
CA LYS A 385 12.32 -14.71 -16.40
C LYS A 385 13.25 -13.88 -15.53
N TYR A 386 12.69 -13.10 -14.61
CA TYR A 386 13.50 -12.24 -13.74
C TYR A 386 13.81 -12.88 -12.40
N TRP A 387 13.13 -13.96 -12.04
CA TRP A 387 13.28 -14.58 -10.73
C TRP A 387 13.42 -16.09 -10.89
N THR A 388 14.16 -16.70 -9.98
CA THR A 388 14.35 -18.15 -9.93
C THR A 388 13.63 -18.70 -8.71
N GLU A 389 12.79 -19.71 -8.93
CA GLU A 389 11.86 -20.21 -7.92
C GLU A 389 11.08 -19.04 -7.34
N PRO A 390 10.23 -18.38 -8.14
CA PRO A 390 9.61 -17.12 -7.69
C PRO A 390 8.67 -17.30 -6.50
N GLU A 391 8.14 -18.50 -6.28
CA GLU A 391 7.16 -18.71 -5.21
C GLU A 391 7.79 -18.98 -3.86
N LYS A 392 9.08 -19.31 -3.79
CA LYS A 392 9.72 -19.62 -2.53
C LYS A 392 10.29 -18.36 -1.89
N PHE A 393 10.07 -18.24 -0.58
CA PHE A 393 10.58 -17.09 0.18
C PHE A 393 12.08 -17.23 0.35
N LEU A 394 12.84 -16.43 -0.39
CA LEU A 394 14.30 -16.48 -0.36
C LEU A 394 14.82 -15.06 -0.19
N PRO A 395 15.13 -14.62 1.03
CA PRO A 395 15.56 -13.23 1.24
C PRO A 395 16.90 -12.91 0.59
N GLU A 396 17.72 -13.90 0.28
CA GLU A 396 19.05 -13.64 -0.28
C GLU A 396 18.99 -13.07 -1.69
N ARG A 397 17.81 -12.97 -2.30
CA ARG A 397 17.70 -12.29 -3.59
C ARG A 397 18.15 -10.84 -3.49
N PHE A 398 18.02 -10.24 -2.30
CA PHE A 398 18.36 -8.84 -2.07
C PHE A 398 19.68 -8.69 -1.33
N SER A 399 20.60 -9.63 -1.51
CA SER A 399 21.94 -9.47 -0.96
C SER A 399 22.71 -8.43 -1.76
N LYS A 400 23.85 -8.01 -1.20
CA LYS A 400 24.65 -6.97 -1.85
C LYS A 400 25.15 -7.45 -3.22
N LYS A 401 25.49 -8.72 -3.34
CA LYS A 401 25.95 -9.26 -4.60
C LYS A 401 24.83 -9.39 -5.63
N ASN A 402 23.58 -9.49 -5.18
CA ASN A 402 22.44 -9.68 -6.08
C ASN A 402 21.46 -8.51 -6.02
N LYS A 403 21.91 -7.34 -5.58
CA LYS A 403 21.06 -6.17 -5.50
C LYS A 403 21.06 -5.35 -6.79
N ASP A 404 22.13 -5.43 -7.59
CA ASP A 404 22.28 -4.59 -8.77
C ASP A 404 21.57 -5.15 -9.99
N ASN A 405 21.53 -6.47 -10.15
CA ASN A 405 20.93 -7.09 -11.32
C ASN A 405 19.41 -7.16 -11.26
N ILE A 406 18.79 -6.41 -10.34
CA ILE A 406 17.34 -6.37 -10.22
C ILE A 406 16.83 -5.10 -10.88
N ASP A 407 15.92 -5.24 -11.83
CA ASP A 407 15.41 -4.10 -12.58
C ASP A 407 14.39 -3.34 -11.72
N PRO A 408 14.60 -2.04 -11.47
CA PRO A 408 13.66 -1.30 -10.63
C PRO A 408 12.29 -1.10 -11.27
N TYR A 409 12.11 -1.47 -12.53
CA TYR A 409 10.84 -1.34 -13.21
C TYR A 409 10.11 -2.68 -13.34
N ILE A 410 10.71 -3.76 -12.87
CA ILE A 410 10.02 -5.03 -12.70
C ILE A 410 9.56 -5.21 -11.25
N TYR A 411 10.42 -4.88 -10.30
CA TYR A 411 10.09 -4.93 -8.87
C TYR A 411 9.60 -3.55 -8.46
N THR A 412 8.28 -3.36 -8.44
CA THR A 412 7.66 -2.08 -8.13
C THR A 412 6.58 -2.27 -7.06
N PRO A 413 6.97 -2.59 -5.82
CA PRO A 413 5.96 -2.68 -4.75
C PRO A 413 5.47 -1.33 -4.29
N PHE A 414 6.30 -0.28 -4.43
CA PHE A 414 5.90 1.08 -4.13
C PHE A 414 5.72 1.90 -5.40
N GLY A 415 5.53 1.25 -6.53
CA GLY A 415 5.46 1.97 -7.78
C GLY A 415 6.81 2.56 -8.15
N SER A 416 6.75 3.54 -9.04
CA SER A 416 7.95 4.23 -9.49
C SER A 416 7.54 5.52 -10.18
N GLY A 417 8.54 6.37 -10.44
CA GLY A 417 8.31 7.63 -11.11
C GLY A 417 7.85 8.72 -10.17
N PRO A 418 7.54 9.89 -10.73
CA PRO A 418 7.07 11.01 -9.89
C PRO A 418 5.81 10.71 -9.11
N ARG A 419 4.95 9.81 -9.61
CA ARG A 419 3.75 9.47 -8.87
C ARG A 419 3.91 8.11 -8.19
N ASN A 420 4.94 7.95 -7.37
CA ASN A 420 5.15 6.73 -6.60
C ASN A 420 4.55 6.89 -5.20
N CYS A 421 4.75 5.87 -4.37
CA CYS A 421 4.25 5.89 -3.00
C CYS A 421 4.99 6.96 -2.22
N ILE A 422 4.31 8.08 -1.93
CA ILE A 422 4.94 9.16 -1.19
C ILE A 422 5.20 8.77 0.27
N GLY A 423 4.53 7.72 0.76
CA GLY A 423 4.73 7.28 2.12
C GLY A 423 5.59 6.03 2.22
N MET A 424 6.50 5.86 1.27
CA MET A 424 7.34 4.66 1.25
C MET A 424 8.34 4.65 2.39
N ARG A 425 9.10 5.74 2.56
CA ARG A 425 10.09 5.80 3.63
C ARG A 425 9.44 5.65 4.98
N PHE A 426 8.29 6.30 5.19
CA PHE A 426 7.58 6.18 6.45
C PHE A 426 7.09 4.75 6.69
N ALA A 427 6.57 4.11 5.64
CA ALA A 427 6.03 2.76 5.79
C ALA A 427 7.13 1.77 6.16
N LEU A 428 8.24 1.81 5.43
CA LEU A 428 9.34 0.88 5.71
C LEU A 428 9.91 1.10 7.10
N MET A 429 10.09 2.36 7.50
CA MET A 429 10.53 2.65 8.86
C MET A 429 9.50 2.20 9.88
N ASN A 430 8.22 2.51 9.63
CA ASN A 430 7.17 2.13 10.57
C ASN A 430 7.11 0.62 10.77
N MET A 431 7.33 -0.14 9.71
CA MET A 431 7.26 -1.59 9.82
C MET A 431 8.54 -2.19 10.39
N LYS A 432 9.70 -1.62 10.02
CA LYS A 432 10.96 -2.13 10.55
C LYS A 432 11.07 -1.87 12.05
N LEU A 433 10.66 -0.69 12.51
CA LEU A 433 10.64 -0.41 13.94
C LEU A 433 9.75 -1.40 14.69
N ALA A 434 8.65 -1.83 14.07
CA ALA A 434 7.77 -2.80 14.71
C ALA A 434 8.45 -4.17 14.79
N LEU A 435 9.06 -4.62 13.71
CA LEU A 435 9.64 -5.96 13.68
C LEU A 435 10.79 -6.09 14.67
N ILE A 436 11.49 -5.00 14.97
CA ILE A 436 12.62 -5.06 15.89
C ILE A 436 12.14 -5.48 17.26
N ARG A 437 11.34 -4.62 17.91
CA ARG A 437 10.87 -4.89 19.25
C ARG A 437 10.05 -6.18 19.34
N VAL A 438 9.46 -6.61 18.23
CA VAL A 438 8.71 -7.86 18.22
C VAL A 438 9.65 -9.05 18.13
N LEU A 439 10.67 -8.97 17.28
CA LEU A 439 11.61 -10.08 17.12
C LEU A 439 12.63 -10.15 18.26
N GLN A 440 13.06 -9.01 18.78
CA GLN A 440 14.01 -9.02 19.89
C GLN A 440 13.36 -9.35 21.24
N ASN A 441 12.07 -9.68 21.24
CA ASN A 441 11.39 -10.10 22.46
C ASN A 441 10.49 -11.31 22.28
N PHE A 442 10.24 -11.76 21.05
CA PHE A 442 9.33 -12.88 20.81
C PHE A 442 9.88 -13.76 19.71
N SER A 443 9.57 -15.05 19.81
CA SER A 443 9.81 -16.02 18.74
C SER A 443 8.47 -16.52 18.22
N PHE A 444 8.44 -16.86 16.93
CA PHE A 444 7.20 -17.16 16.24
C PHE A 444 7.27 -18.53 15.59
N LYS A 445 6.28 -19.37 15.88
CA LYS A 445 6.16 -20.70 15.33
C LYS A 445 4.70 -20.95 14.96
N PRO A 446 4.44 -21.64 13.86
CA PRO A 446 3.06 -21.87 13.44
C PRO A 446 2.33 -22.84 14.36
N CYS A 447 1.01 -22.76 14.35
CA CYS A 447 0.13 -23.61 15.13
C CYS A 447 -0.61 -24.58 14.21
N LYS A 448 -1.62 -25.24 14.76
CA LYS A 448 -2.42 -26.16 13.96
C LYS A 448 -3.33 -25.41 12.99
N GLU A 449 -3.82 -24.24 13.40
CA GLU A 449 -4.71 -23.45 12.55
C GLU A 449 -3.97 -22.68 11.47
N THR A 450 -2.63 -22.65 11.51
CA THR A 450 -1.87 -21.89 10.54
C THR A 450 -2.08 -22.45 9.14
N GLN A 451 -2.17 -21.55 8.16
CA GLN A 451 -2.50 -21.92 6.78
C GLN A 451 -1.21 -22.21 6.02
N ILE A 452 -0.96 -23.49 5.75
CA ILE A 452 0.20 -23.91 4.96
C ILE A 452 -0.29 -24.71 3.76
N PRO A 453 -0.12 -24.20 2.54
CA PRO A 453 0.45 -22.90 2.18
C PRO A 453 -0.55 -21.78 2.40
N LEU A 454 -0.09 -20.54 2.56
CA LEU A 454 -1.01 -19.43 2.74
C LEU A 454 -1.76 -19.15 1.45
N LYS A 455 -3.02 -18.76 1.58
CA LYS A 455 -3.85 -18.41 0.44
C LYS A 455 -4.06 -16.90 0.39
N LEU A 456 -4.14 -16.38 -0.83
CA LEU A 456 -4.33 -14.95 -1.04
C LEU A 456 -5.81 -14.62 -1.17
N SER A 457 -6.17 -13.41 -0.75
CA SER A 457 -7.55 -12.97 -0.82
C SER A 457 -7.92 -12.62 -2.27
N LEU A 458 -9.17 -12.90 -2.62
CA LEU A 458 -9.69 -12.57 -3.94
C LEU A 458 -10.24 -11.15 -4.03
N GLY A 459 -10.01 -10.33 -3.01
CA GLY A 459 -10.49 -8.96 -3.02
C GLY A 459 -9.66 -8.06 -3.92
N GLY A 460 -9.33 -6.88 -3.44
CA GLY A 460 -8.57 -5.93 -4.23
C GLY A 460 -7.42 -5.28 -3.49
N LEU A 461 -7.02 -5.87 -2.36
CA LEU A 461 -5.91 -5.36 -1.58
C LEU A 461 -4.81 -6.38 -1.35
N LEU A 462 -5.01 -7.65 -1.74
CA LEU A 462 -4.06 -8.72 -1.50
C LEU A 462 -3.79 -8.86 -0.01
N GLN A 463 -4.61 -9.65 0.67
CA GLN A 463 -4.52 -9.92 2.09
C GLN A 463 -4.46 -11.42 2.30
N PRO A 464 -4.02 -11.88 3.47
CA PRO A 464 -4.13 -13.31 3.77
C PRO A 464 -5.60 -13.72 3.81
N GLU A 465 -5.92 -14.76 3.03
CA GLU A 465 -7.28 -15.28 3.03
C GLU A 465 -7.75 -15.60 4.45
N LYS A 466 -7.01 -16.46 5.14
CA LYS A 466 -7.24 -16.65 6.56
C LYS A 466 -6.22 -15.85 7.36
N PRO A 467 -6.65 -15.14 8.40
CA PRO A 467 -5.71 -14.34 9.19
C PRO A 467 -4.57 -15.18 9.74
N VAL A 468 -3.40 -14.56 9.82
CA VAL A 468 -2.18 -15.27 10.22
C VAL A 468 -2.32 -15.68 11.69
N VAL A 469 -2.31 -16.98 11.94
CA VAL A 469 -2.48 -17.54 13.28
C VAL A 469 -1.16 -18.21 13.67
N LEU A 470 -0.46 -17.62 14.63
CA LEU A 470 0.85 -18.12 15.05
C LEU A 470 0.92 -18.15 16.57
N LYS A 471 2.01 -18.70 17.08
CA LYS A 471 2.30 -18.74 18.51
C LYS A 471 3.50 -17.87 18.82
N VAL A 472 3.51 -17.30 20.02
CA VAL A 472 4.56 -16.39 20.46
C VAL A 472 5.16 -16.90 21.77
N GLU A 473 6.44 -16.60 21.98
CA GLU A 473 7.15 -17.00 23.18
C GLU A 473 7.87 -15.80 23.78
N SER A 474 8.27 -15.95 25.05
CA SER A 474 8.88 -14.86 25.78
C SER A 474 10.35 -14.66 25.40
N ARG A 475 11.06 -15.74 25.13
CA ARG A 475 12.45 -15.69 24.71
C ARG A 475 13.34 -14.97 25.73
CHA HEM B . 0.73 5.32 -3.74
CHB HEM B . 2.46 1.08 -2.13
CHC HEM B . 2.24 2.76 2.46
CHD HEM B . 0.77 7.06 0.80
C1A HEM B . 1.24 4.05 -3.67
C2A HEM B . 1.45 3.22 -4.79
C3A HEM B . 1.93 2.03 -4.34
C4A HEM B . 2.02 2.10 -2.94
CMA HEM B . 2.31 0.84 -5.19
CAA HEM B . 1.19 3.60 -6.22
CBA HEM B . 2.48 3.98 -6.94
CGA HEM B . 2.15 4.27 -8.38
O1A HEM B . 0.98 4.54 -8.71
O2A HEM B . 3.05 4.24 -9.25
C1B HEM B . 2.51 1.22 -0.73
C2B HEM B . 2.90 0.13 0.09
C3B HEM B . 2.85 0.57 1.38
C4B HEM B . 2.40 1.98 1.32
CMB HEM B . 3.30 -1.25 -0.39
CAB HEM B . 3.16 -0.19 2.62
CBB HEM B . 4.37 -0.69 2.83
C1C HEM B . 1.87 4.09 2.41
C2C HEM B . 1.84 4.98 3.50
C3C HEM B . 1.43 6.20 3.01
C4C HEM B . 1.20 6.06 1.62
CMC HEM B . 2.20 4.62 4.91
CAC HEM B . 1.23 7.44 3.79
CBC HEM B . 2.25 8.03 4.41
C1D HEM B . 0.63 6.87 -0.58
C2D HEM B . 0.12 7.95 -1.43
C3D HEM B . 0.10 7.47 -2.68
C4D HEM B . 0.62 6.10 -2.60
CMD HEM B . -0.31 9.31 -0.96
CAD HEM B . -0.34 8.21 -3.92
CBD HEM B . 0.75 9.14 -4.42
CGD HEM B . 0.18 10.02 -5.49
O1D HEM B . -0.95 9.79 -5.96
O2D HEM B . 0.84 10.99 -5.91
NA HEM B . 1.57 3.34 -2.53
NB HEM B . 2.22 2.29 0.01
NC HEM B . 1.49 4.76 1.27
ND HEM B . 0.91 5.80 -1.33
FE HEM B . 1.59 4.16 -0.72
CLAY CL6 C . -2.83 5.83 -1.36
CAX CL6 C . -4.35 5.05 -1.00
CAV CL6 C . -5.30 5.80 -0.35
CAT CL6 C . -6.52 5.24 -0.04
CAS CL6 C . -6.79 3.95 -0.40
CAU CL6 C . -5.83 3.19 -1.05
CAW CL6 C . -4.58 3.72 -1.36
CAR CL6 C . -3.49 2.86 -2.06
CAC CL6 C . -3.86 1.36 -2.19
CAE CL6 C . -4.84 0.93 -3.08
CAF CL6 C . -5.14 -0.41 -3.22
CAD CL6 C . -4.46 -1.35 -2.48
CAB CL6 C . -3.49 -0.95 -1.59
CAA CL6 C . -3.18 0.39 -1.45
NAO CL6 C . -2.22 2.95 -1.24
CAM CL6 C . -0.94 3.06 -1.68
NAN CL6 C . -0.07 3.14 -0.71
CAQ CL6 C . -0.81 3.08 0.44
CAP CL6 C . -2.11 2.97 0.14
CAL CL6 C . -3.28 3.36 -3.51
CAK CL6 C . -4.02 4.45 -3.99
CAI CL6 C . -3.88 4.86 -5.30
CAG CL6 C . -3.02 4.21 -6.15
CAH CL6 C . -2.28 3.14 -5.69
CAJ CL6 C . -2.42 2.71 -4.38
#